data_4OWG
#
_entry.id   4OWG
#
_cell.length_a   36.848
_cell.length_b   72.071
_cell.length_c   161.204
_cell.angle_alpha   90.00
_cell.angle_beta   90.00
_cell.angle_gamma   90.00
#
_symmetry.space_group_name_H-M   'P 21 21 21'
#
loop_
_entity.id
_entity.type
_entity.pdbx_description
1 polymer 'Triosephosphate isomerase'
2 non-polymer PHOSPHOENOLPYRUVATE
3 water water
#
_entity_poly.entity_id   1
_entity_poly.type   'polypeptide(L)'
_entity_poly.pdbx_seq_one_letter_code
;APSRKFFVGGNWKMNGRKKNLGELITTLNAAKVPADTEVVCAPPTAYIDFARQKLDPKIAVAAQNCYKVTNGAFTGEISP
GMIKDCGATWVVLGHSERRHVFGESDELIGQKVAHALSEGLGVIACIGEKLDEREAGITEKVVFEQTKVIADNVKDWSKV
VLAYEPVWAIGTGKTATPQQAQEVHEKLRGWLKSNVSDAVAQSTRIIYGGSVTGATCKELASQPDVDGFLVGGASLKPEF
VDIINAKQ
;
_entity_poly.pdbx_strand_id   A,B
#
# COMPACT_ATOMS: atom_id res chain seq x y z
N SER A 3 -19.61 -20.17 22.10
CA SER A 3 -20.31 -18.94 21.70
C SER A 3 -19.50 -18.07 20.78
N ARG A 4 -18.60 -18.65 19.96
CA ARG A 4 -17.83 -17.80 19.07
C ARG A 4 -18.77 -17.16 18.09
N LYS A 5 -18.61 -15.85 17.79
CA LYS A 5 -19.53 -15.23 16.84
C LYS A 5 -19.06 -15.59 15.42
N PHE A 6 -19.99 -16.00 14.58
CA PHE A 6 -19.76 -16.22 13.17
C PHE A 6 -19.20 -14.93 12.54
N PHE A 7 -18.12 -15.07 11.78
CA PHE A 7 -17.35 -13.93 11.26
C PHE A 7 -17.30 -14.02 9.76
N VAL A 8 -17.77 -12.99 9.06
CA VAL A 8 -17.66 -12.94 7.60
C VAL A 8 -16.93 -11.68 7.19
N GLY A 9 -15.80 -11.88 6.58
CA GLY A 9 -15.00 -10.74 6.02
C GLY A 9 -15.06 -10.74 4.51
N GLY A 10 -15.11 -9.55 3.94
CA GLY A 10 -15.09 -9.35 2.51
C GLY A 10 -13.83 -8.59 2.14
N ASN A 11 -12.97 -9.21 1.36
CA ASN A 11 -11.73 -8.60 0.87
C ASN A 11 -11.96 -8.12 -0.57
N TRP A 12 -12.12 -6.83 -0.73
CA TRP A 12 -12.38 -6.24 -2.05
C TRP A 12 -11.12 -6.25 -2.94
N LYS A 13 -9.96 -6.55 -2.35
CA LYS A 13 -8.66 -6.53 -3.02
C LYS A 13 -8.52 -5.21 -3.79
N MET A 14 -7.90 -5.27 -4.97
CA MET A 14 -7.62 -4.06 -5.73
C MET A 14 -8.74 -3.90 -6.76
N ASN A 15 -9.95 -3.63 -6.26
CA ASN A 15 -11.11 -3.43 -7.11
C ASN A 15 -11.91 -2.25 -6.58
N GLY A 16 -12.49 -1.52 -7.53
CA GLY A 16 -13.49 -0.55 -7.22
C GLY A 16 -13.05 0.90 -7.36
N ARG A 17 -14.04 1.74 -7.62
CA ARG A 17 -13.95 3.16 -7.68
C ARG A 17 -15.10 3.76 -6.83
N LYS A 18 -15.14 5.05 -6.63
CA LYS A 18 -16.17 5.58 -5.78
C LYS A 18 -17.58 5.21 -6.23
N LYS A 19 -17.81 5.23 -7.53
CA LYS A 19 -19.18 4.91 -8.06
C LYS A 19 -19.59 3.48 -7.82
N ASN A 20 -18.78 2.53 -8.27
CA ASN A 20 -19.21 1.13 -8.10
C ASN A 20 -19.09 0.64 -6.66
N LEU A 21 -18.12 1.17 -5.91
CA LEU A 21 -18.09 0.79 -4.49
C LEU A 21 -19.24 1.46 -3.75
N GLY A 22 -19.65 2.66 -4.09
CA GLY A 22 -20.84 3.28 -3.49
C GLY A 22 -22.06 2.34 -3.71
N GLU A 23 -22.21 1.79 -4.88
CA GLU A 23 -23.32 0.86 -5.14
C GLU A 23 -23.22 -0.40 -4.30
N LEU A 24 -22.02 -0.96 -4.24
CA LEU A 24 -21.82 -2.12 -3.38
C LEU A 24 -22.15 -1.82 -1.93
N ILE A 25 -21.73 -0.67 -1.46
CA ILE A 25 -22.02 -0.26 -0.08
C ILE A 25 -23.51 -0.12 0.21
N THR A 26 -24.23 0.39 -0.76
CA THR A 26 -25.70 0.45 -0.60
C THR A 26 -26.28 -0.91 -0.38
N THR A 27 -25.82 -1.89 -1.17
CA THR A 27 -26.25 -3.30 -1.04
C THR A 27 -25.89 -3.83 0.36
N LEU A 28 -24.70 -3.52 0.84
CA LEU A 28 -24.31 -3.98 2.19
C LEU A 28 -25.10 -3.32 3.30
N ASN A 29 -25.42 -2.05 3.14
CA ASN A 29 -26.12 -1.27 4.18
C ASN A 29 -27.54 -1.80 4.29
N ALA A 30 -28.01 -2.43 3.23
CA ALA A 30 -29.41 -3.00 3.25
C ALA A 30 -29.47 -4.42 3.80
N ALA A 31 -28.31 -5.00 4.09
CA ALA A 31 -28.25 -6.38 4.59
C ALA A 31 -28.66 -6.39 6.09
N LYS A 32 -29.60 -7.25 6.41
CA LYS A 32 -29.92 -7.54 7.80
C LYS A 32 -28.84 -8.45 8.32
N VAL A 33 -28.05 -7.98 9.26
CA VAL A 33 -26.98 -8.83 9.86
C VAL A 33 -27.60 -9.72 10.95
N PRO A 34 -27.52 -11.03 10.74
CA PRO A 34 -28.10 -11.88 11.76
C PRO A 34 -27.45 -11.70 13.12
N ALA A 35 -28.17 -12.29 14.12
CA ALA A 35 -27.73 -12.39 15.50
C ALA A 35 -26.40 -13.06 15.56
N ASP A 36 -25.54 -12.49 16.40
CA ASP A 36 -24.31 -13.17 16.79
C ASP A 36 -23.39 -13.39 15.57
N THR A 37 -23.41 -12.41 14.68
CA THR A 37 -22.60 -12.44 13.44
C THR A 37 -21.83 -11.12 13.23
N GLU A 38 -20.55 -11.23 12.87
CA GLU A 38 -19.73 -10.08 12.77
C GLU A 38 -19.31 -9.93 11.30
N VAL A 39 -19.56 -8.78 10.72
CA VAL A 39 -19.28 -8.60 9.24
C VAL A 39 -18.24 -7.47 9.11
N VAL A 40 -17.22 -7.76 8.31
CA VAL A 40 -16.10 -6.83 8.14
C VAL A 40 -15.84 -6.70 6.61
N CYS A 41 -15.58 -5.50 6.15
CA CYS A 41 -15.23 -5.29 4.74
C CYS A 41 -13.91 -4.60 4.62
N ALA A 42 -13.06 -5.06 3.70
CA ALA A 42 -11.70 -4.51 3.49
C ALA A 42 -11.55 -3.87 2.13
N PRO A 43 -11.73 -2.53 2.06
CA PRO A 43 -11.67 -1.81 0.77
C PRO A 43 -10.22 -1.60 0.38
N PRO A 44 -9.95 -1.29 -0.89
CA PRO A 44 -8.64 -0.86 -1.24
C PRO A 44 -8.22 0.35 -0.40
N THR A 45 -6.90 0.48 -0.21
CA THR A 45 -6.40 1.41 0.80
C THR A 45 -6.82 2.83 0.57
N ALA A 46 -6.89 3.25 -0.69
CA ALA A 46 -7.35 4.58 -1.03
C ALA A 46 -8.80 4.88 -0.66
N TYR A 47 -9.59 3.85 -0.36
CA TYR A 47 -11.00 3.98 -0.08
C TYR A 47 -11.42 3.57 1.36
N ILE A 48 -10.42 3.38 2.26
CA ILE A 48 -10.79 3.02 3.65
C ILE A 48 -11.68 4.08 4.23
N ASP A 49 -11.29 5.34 4.06
CA ASP A 49 -12.00 6.45 4.70
C ASP A 49 -13.37 6.60 4.04
N PHE A 50 -13.40 6.61 2.68
CA PHE A 50 -14.64 6.68 1.92
C PHE A 50 -15.62 5.59 2.36
N ALA A 51 -15.12 4.35 2.43
CA ALA A 51 -16.01 3.26 2.74
C ALA A 51 -16.53 3.38 4.19
N ARG A 52 -15.71 3.75 5.13
CA ARG A 52 -16.18 3.90 6.50
C ARG A 52 -17.22 5.02 6.60
N GLN A 53 -17.07 6.09 5.82
CA GLN A 53 -18.04 7.14 5.85
C GLN A 53 -19.36 6.67 5.33
N LYS A 54 -19.35 5.82 4.28
CA LYS A 54 -20.56 5.41 3.61
C LYS A 54 -21.25 4.19 4.23
N LEU A 55 -20.46 3.30 4.81
CA LEU A 55 -21.00 2.12 5.43
C LEU A 55 -21.69 2.42 6.78
N ASP A 56 -22.80 1.72 6.97
CA ASP A 56 -23.50 1.71 8.27
C ASP A 56 -22.59 1.08 9.33
N PRO A 57 -22.65 1.55 10.57
CA PRO A 57 -21.77 1.02 11.61
C PRO A 57 -21.94 -0.49 11.89
N LYS A 58 -23.03 -1.09 11.46
CA LYS A 58 -23.20 -2.52 11.57
C LYS A 58 -22.17 -3.31 10.79
N ILE A 59 -21.47 -2.69 9.83
CA ILE A 59 -20.37 -3.34 9.12
C ILE A 59 -19.09 -2.66 9.51
N ALA A 60 -18.08 -3.43 9.91
CA ALA A 60 -16.78 -2.87 10.29
C ALA A 60 -15.92 -2.77 9.05
N VAL A 61 -14.94 -1.87 9.09
CA VAL A 61 -13.97 -1.73 8.03
C VAL A 61 -12.62 -2.23 8.44
N ALA A 62 -11.95 -2.94 7.53
CA ALA A 62 -10.59 -3.36 7.66
C ALA A 62 -9.71 -2.76 6.61
N ALA A 63 -8.46 -2.50 6.96
CA ALA A 63 -7.45 -2.27 5.94
C ALA A 63 -6.96 -3.64 5.42
N GLN A 64 -6.43 -3.61 4.20
CA GLN A 64 -5.90 -4.82 3.54
C GLN A 64 -4.50 -5.16 3.91
N ASN A 65 -3.80 -4.25 4.58
CA ASN A 65 -2.40 -4.43 4.96
C ASN A 65 -2.01 -3.23 5.82
N CYS A 66 -0.91 -3.36 6.52
CA CYS A 66 -0.28 -2.24 7.20
C CYS A 66 1.17 -2.52 7.41
N TYR A 67 1.89 -1.53 7.96
CA TYR A 67 3.29 -1.74 8.30
C TYR A 67 3.45 -1.81 9.83
N LYS A 68 4.70 -1.78 10.32
CA LYS A 68 5.02 -2.29 11.67
C LYS A 68 5.53 -1.22 12.66
N VAL A 69 5.43 0.04 12.25
CA VAL A 69 5.70 1.17 13.14
C VAL A 69 4.66 2.25 12.98
N THR A 70 4.61 3.14 13.96
CA THR A 70 3.55 4.12 14.05
C THR A 70 3.59 5.23 12.98
N ASN A 71 4.82 5.59 12.64
CA ASN A 71 5.16 6.66 11.65
C ASN A 71 6.54 6.40 11.22
N GLY A 72 6.89 6.75 9.99
CA GLY A 72 8.23 6.64 9.56
C GLY A 72 8.45 6.76 8.08
N ALA A 73 9.69 6.52 7.66
CA ALA A 73 10.12 6.78 6.31
C ALA A 73 9.88 5.52 5.45
N PHE A 74 8.59 5.24 5.22
CA PHE A 74 8.16 4.04 4.46
C PHE A 74 7.13 4.46 3.42
N THR A 75 7.66 5.06 2.35
CA THR A 75 6.85 5.54 1.26
C THR A 75 6.00 4.36 0.75
N GLY A 76 4.71 4.60 0.63
CA GLY A 76 3.76 3.61 0.16
C GLY A 76 3.13 2.74 1.18
N GLU A 77 3.48 2.93 2.45
CA GLU A 77 2.89 2.16 3.54
C GLU A 77 1.90 2.93 4.38
N ILE A 78 1.11 2.24 5.19
CA ILE A 78 0.23 2.93 6.17
C ILE A 78 0.35 2.19 7.48
N SER A 79 0.11 2.90 8.57
CA SER A 79 0.25 2.35 9.96
C SER A 79 -1.09 2.08 10.60
N PRO A 80 -1.11 1.15 11.56
CA PRO A 80 -2.34 1.02 12.33
C PRO A 80 -2.94 2.30 12.86
N GLY A 81 -2.08 3.26 13.26
CA GLY A 81 -2.65 4.55 13.70
C GLY A 81 -3.49 5.26 12.65
N MET A 82 -3.03 5.21 11.38
CA MET A 82 -3.78 5.77 10.30
C MET A 82 -5.08 5.02 10.08
N ILE A 83 -5.04 3.69 10.15
CA ILE A 83 -6.23 2.87 9.91
C ILE A 83 -7.26 3.20 10.96
N LYS A 84 -6.87 3.25 12.24
CA LYS A 84 -7.78 3.67 13.32
C LYS A 84 -8.32 5.08 13.09
N ASP A 85 -7.45 5.98 12.65
CA ASP A 85 -7.85 7.38 12.42
C ASP A 85 -8.94 7.49 11.33
N CYS A 86 -8.96 6.54 10.38
CA CYS A 86 -9.94 6.48 9.35
C CYS A 86 -11.20 5.73 9.76
N GLY A 87 -11.22 5.29 11.01
CA GLY A 87 -12.37 4.59 11.62
C GLY A 87 -12.45 3.13 11.36
N ALA A 88 -11.40 2.57 10.80
CA ALA A 88 -11.33 1.11 10.58
C ALA A 88 -10.88 0.44 11.89
N THR A 89 -11.28 -0.81 12.10
CA THR A 89 -10.99 -1.47 13.37
C THR A 89 -10.27 -2.79 13.21
N TRP A 90 -9.97 -3.19 11.95
CA TRP A 90 -9.22 -4.41 11.65
C TRP A 90 -8.16 -4.16 10.59
N VAL A 91 -7.22 -5.12 10.51
CA VAL A 91 -6.32 -5.18 9.38
C VAL A 91 -6.19 -6.63 8.99
N VAL A 92 -6.15 -6.89 7.69
CA VAL A 92 -5.79 -8.21 7.14
C VAL A 92 -4.28 -8.28 7.01
N LEU A 93 -3.65 -9.27 7.66
CA LEU A 93 -2.20 -9.47 7.61
C LEU A 93 -1.84 -10.87 7.13
N GLY A 94 -0.82 -10.95 6.34
CA GLY A 94 -0.29 -12.25 5.85
C GLY A 94 -1.13 -12.80 4.73
N HIS A 95 -1.93 -11.99 4.06
CA HIS A 95 -2.65 -12.52 2.93
C HIS A 95 -1.74 -13.14 1.90
N SER A 96 -2.23 -14.24 1.31
CA SER A 96 -1.48 -14.94 0.24
C SER A 96 -0.89 -14.01 -0.79
N GLU A 97 -1.61 -12.98 -1.23
CA GLU A 97 -1.10 -12.13 -2.24
C GLU A 97 0.10 -11.35 -1.69
N ARG A 98 0.04 -10.94 -0.43
CA ARG A 98 1.17 -10.25 0.16
C ARG A 98 2.40 -11.19 0.29
N ARG A 99 2.17 -12.42 0.75
CA ARG A 99 3.23 -13.38 0.89
C ARG A 99 3.88 -13.79 -0.42
N HIS A 100 3.06 -14.04 -1.42
CA HIS A 100 3.50 -14.76 -2.60
C HIS A 100 3.59 -13.94 -3.85
N VAL A 101 2.99 -12.75 -3.91
CA VAL A 101 3.22 -11.84 -5.01
C VAL A 101 4.22 -10.77 -4.54
N PHE A 102 4.10 -10.32 -3.29
CA PHE A 102 4.87 -9.18 -2.81
C PHE A 102 5.97 -9.59 -1.83
N GLY A 103 6.10 -10.89 -1.62
CA GLY A 103 7.30 -11.39 -0.91
C GLY A 103 7.42 -11.08 0.58
N GLU A 104 6.29 -10.88 1.22
CA GLU A 104 6.30 -10.64 2.68
C GLU A 104 6.62 -11.92 3.42
N SER A 105 7.65 -11.86 4.24
CA SER A 105 8.05 -13.05 4.99
C SER A 105 7.23 -13.26 6.26
N ASP A 106 7.30 -14.48 6.79
CA ASP A 106 6.68 -14.78 8.05
C ASP A 106 7.14 -13.85 9.16
N GLU A 107 8.45 -13.51 9.12
CA GLU A 107 9.05 -12.65 10.11
C GLU A 107 8.46 -11.25 10.08
N LEU A 108 8.26 -10.73 8.84
CA LEU A 108 7.62 -9.46 8.69
C LEU A 108 6.15 -9.48 9.13
N ILE A 109 5.45 -10.55 8.79
CA ILE A 109 4.03 -10.65 9.15
C ILE A 109 3.92 -10.67 10.70
N GLY A 110 4.83 -11.41 11.38
CA GLY A 110 4.78 -11.49 12.82
C GLY A 110 5.01 -10.10 13.45
N GLN A 111 5.91 -9.31 12.87
CA GLN A 111 6.15 -7.97 13.40
C GLN A 111 4.94 -7.08 13.19
N LYS A 112 4.24 -7.25 12.05
CA LYS A 112 3.05 -6.47 11.83
C LYS A 112 1.95 -6.86 12.80
N VAL A 113 1.79 -8.17 13.04
CA VAL A 113 0.80 -8.63 13.97
C VAL A 113 1.06 -8.03 15.38
N ALA A 114 2.31 -8.07 15.81
CA ALA A 114 2.67 -7.53 17.14
C ALA A 114 2.32 -6.02 17.21
N HIS A 115 2.68 -5.28 16.15
CA HIS A 115 2.48 -3.86 16.19
C HIS A 115 0.98 -3.49 16.14
N ALA A 116 0.25 -4.13 15.22
CA ALA A 116 -1.14 -3.82 15.12
C ALA A 116 -1.88 -4.13 16.41
N LEU A 117 -1.59 -5.29 16.98
CA LEU A 117 -2.30 -5.63 18.21
C LEU A 117 -1.90 -4.75 19.39
N SER A 118 -0.62 -4.40 19.45
N SER A 118 -0.64 -4.37 19.44
CA SER A 118 -0.12 -3.48 20.49
CA SER A 118 -0.16 -3.48 20.51
C SER A 118 -0.86 -2.17 20.40
C SER A 118 -0.82 -2.15 20.40
N GLU A 119 -1.25 -1.76 19.19
CA GLU A 119 -1.99 -0.52 18.93
C GLU A 119 -3.51 -0.66 18.94
N GLY A 120 -4.01 -1.82 19.38
CA GLY A 120 -5.42 -1.98 19.57
C GLY A 120 -6.26 -2.18 18.30
N LEU A 121 -5.58 -2.58 17.22
CA LEU A 121 -6.26 -2.86 16.00
C LEU A 121 -6.45 -4.37 15.89
N GLY A 122 -7.65 -4.82 15.51
CA GLY A 122 -7.96 -6.22 15.27
C GLY A 122 -7.19 -6.74 14.07
N VAL A 123 -6.85 -8.01 14.11
CA VAL A 123 -6.06 -8.63 13.05
C VAL A 123 -6.78 -9.87 12.51
N ILE A 124 -6.93 -9.92 11.21
CA ILE A 124 -7.34 -11.14 10.47
C ILE A 124 -6.05 -11.68 9.93
N ALA A 125 -5.51 -12.73 10.54
CA ALA A 125 -4.19 -13.23 10.21
C ALA A 125 -4.36 -14.47 9.33
N CYS A 126 -3.82 -14.42 8.12
CA CYS A 126 -4.00 -15.43 7.12
C CYS A 126 -2.86 -16.42 7.07
N ILE A 127 -3.23 -17.70 6.92
CA ILE A 127 -2.26 -18.75 6.77
C ILE A 127 -2.76 -19.71 5.70
N GLY A 128 -1.87 -20.56 5.18
CA GLY A 128 -2.34 -21.48 4.16
C GLY A 128 -1.19 -22.07 3.37
N GLU A 129 -1.36 -23.31 2.92
CA GLU A 129 -0.35 -24.00 2.11
C GLU A 129 -0.62 -23.85 0.64
N LYS A 130 0.48 -23.97 -0.12
CA LYS A 130 0.42 -24.03 -1.57
C LYS A 130 0.06 -25.43 -2.02
N LEU A 131 -0.35 -25.53 -3.30
CA LEU A 131 -0.70 -26.84 -3.90
C LEU A 131 0.47 -27.83 -3.78
N ASP A 132 1.66 -27.39 -4.07
CA ASP A 132 2.82 -28.31 -4.02
C ASP A 132 3.13 -28.76 -2.63
N GLU A 133 2.77 -27.99 -1.60
CA GLU A 133 2.98 -28.38 -0.22
C GLU A 133 1.93 -29.39 0.22
N ARG A 134 0.68 -29.18 -0.22
CA ARG A 134 -0.40 -30.07 0.08
C ARG A 134 -0.08 -31.48 -0.53
N GLU A 135 0.38 -31.44 -1.75
CA GLU A 135 0.62 -32.69 -2.51
C GLU A 135 1.86 -33.39 -1.98
N ALA A 136 2.84 -32.66 -1.48
CA ALA A 136 3.95 -33.24 -0.73
C ALA A 136 3.62 -33.79 0.67
N GLY A 137 2.40 -33.60 1.15
CA GLY A 137 1.99 -34.13 2.45
C GLY A 137 2.43 -33.22 3.63
N ILE A 138 2.73 -31.95 3.37
CA ILE A 138 3.29 -31.09 4.43
C ILE A 138 2.36 -29.94 4.85
N THR A 139 1.09 -30.08 4.51
CA THR A 139 0.12 -29.01 4.86
C THR A 139 0.26 -28.61 6.33
N GLU A 140 0.27 -29.61 7.22
CA GLU A 140 0.25 -29.33 8.67
C GLU A 140 1.50 -28.59 9.08
N LYS A 141 2.64 -29.07 8.62
CA LYS A 141 3.89 -28.41 8.92
C LYS A 141 3.85 -26.93 8.53
N VAL A 142 3.41 -26.64 7.30
CA VAL A 142 3.37 -25.27 6.77
C VAL A 142 2.44 -24.43 7.62
N VAL A 143 1.22 -24.90 7.87
CA VAL A 143 0.23 -24.04 8.58
C VAL A 143 0.57 -23.90 10.05
N PHE A 144 1.17 -24.93 10.64
CA PHE A 144 1.55 -24.81 12.02
C PHE A 144 2.68 -23.84 12.17
N GLU A 145 3.62 -23.83 11.23
CA GLU A 145 4.76 -22.90 11.26
C GLU A 145 4.26 -21.46 11.12
N GLN A 146 3.29 -21.27 10.22
CA GLN A 146 2.75 -19.91 10.03
C GLN A 146 1.97 -19.47 11.27
N THR A 147 1.19 -20.37 11.86
CA THR A 147 0.39 -20.08 13.03
C THR A 147 1.28 -19.79 14.25
N LYS A 148 2.36 -20.54 14.41
CA LYS A 148 3.28 -20.25 15.46
C LYS A 148 3.87 -18.88 15.38
N VAL A 149 4.25 -18.42 14.18
CA VAL A 149 4.83 -17.07 14.04
C VAL A 149 3.76 -16.08 14.45
N ILE A 150 2.51 -16.26 14.02
CA ILE A 150 1.40 -15.35 14.46
C ILE A 150 1.21 -15.38 15.97
N ALA A 151 1.07 -16.59 16.51
CA ALA A 151 0.83 -16.77 17.92
C ALA A 151 1.92 -16.15 18.80
N ASP A 152 3.15 -16.22 18.33
CA ASP A 152 4.29 -15.74 19.12
C ASP A 152 4.22 -14.23 19.23
N ASN A 153 3.45 -13.60 18.35
CA ASN A 153 3.28 -12.15 18.34
C ASN A 153 1.95 -11.62 18.73
N VAL A 154 1.05 -12.49 19.22
CA VAL A 154 -0.26 -12.07 19.57
C VAL A 154 -0.24 -11.42 20.91
N LYS A 155 -0.56 -10.15 20.98
CA LYS A 155 -0.64 -9.46 22.25
C LYS A 155 -2.05 -9.50 22.85
N ASP A 156 -3.08 -9.85 22.06
CA ASP A 156 -4.43 -9.86 22.54
C ASP A 156 -5.29 -10.79 21.68
N TRP A 157 -5.46 -12.04 22.13
CA TRP A 157 -6.22 -13.01 21.35
C TRP A 157 -7.67 -12.63 21.11
N SER A 158 -8.22 -11.74 21.94
CA SER A 158 -9.59 -11.32 21.76
C SER A 158 -9.73 -10.50 20.46
N LYS A 159 -8.60 -10.07 19.93
CA LYS A 159 -8.62 -9.21 18.76
C LYS A 159 -8.03 -9.90 17.53
N VAL A 160 -7.91 -11.22 17.57
CA VAL A 160 -7.41 -11.99 16.42
C VAL A 160 -8.47 -12.91 15.89
N VAL A 161 -8.48 -13.02 14.56
CA VAL A 161 -9.19 -14.04 13.80
C VAL A 161 -8.15 -14.71 12.95
N LEU A 162 -8.12 -16.03 12.94
CA LEU A 162 -7.23 -16.79 12.09
C LEU A 162 -7.98 -17.18 10.84
N ALA A 163 -7.39 -16.92 9.68
CA ALA A 163 -8.03 -17.22 8.40
C ALA A 163 -7.23 -18.26 7.63
N TYR A 164 -7.77 -19.46 7.52
CA TYR A 164 -7.10 -20.54 6.76
C TYR A 164 -7.57 -20.40 5.31
N GLU A 165 -6.62 -20.07 4.43
CA GLU A 165 -6.89 -19.83 3.03
C GLU A 165 -5.85 -20.64 2.21
N PRO A 166 -6.25 -21.86 1.82
CA PRO A 166 -5.28 -22.59 1.06
C PRO A 166 -5.04 -21.90 -0.27
N VAL A 167 -3.77 -21.77 -0.62
CA VAL A 167 -3.42 -20.94 -1.74
C VAL A 167 -4.07 -21.42 -3.07
N TRP A 168 -4.15 -22.74 -3.20
CA TRP A 168 -4.74 -23.33 -4.38
C TRP A 168 -6.21 -23.07 -4.52
N ALA A 169 -6.87 -22.59 -3.45
CA ALA A 169 -8.29 -22.28 -3.51
C ALA A 169 -8.54 -20.79 -3.77
N ILE A 170 -7.50 -19.94 -3.74
CA ILE A 170 -7.78 -18.44 -3.81
C ILE A 170 -7.90 -18.00 -5.23
N GLY A 171 -9.10 -17.58 -5.57
CA GLY A 171 -9.36 -16.99 -6.87
C GLY A 171 -9.46 -18.05 -7.96
N THR A 172 -9.31 -19.31 -7.63
CA THR A 172 -9.19 -20.36 -8.66
C THR A 172 -10.51 -21.06 -8.93
N GLY A 173 -11.53 -20.80 -8.10
CA GLY A 173 -12.79 -21.49 -8.17
C GLY A 173 -12.70 -22.81 -7.44
N LYS A 174 -11.51 -23.23 -7.00
CA LYS A 174 -11.27 -24.52 -6.36
C LYS A 174 -11.52 -24.56 -4.86
N THR A 175 -12.78 -24.44 -4.49
CA THR A 175 -13.17 -24.30 -3.12
C THR A 175 -12.80 -25.54 -2.39
N ALA A 176 -12.21 -25.46 -1.19
CA ALA A 176 -12.04 -26.66 -0.36
C ALA A 176 -13.39 -27.34 -0.12
N THR A 177 -13.40 -28.68 -0.03
CA THR A 177 -14.57 -29.36 0.47
C THR A 177 -14.79 -29.10 1.96
N PRO A 178 -16.01 -29.26 2.44
CA PRO A 178 -16.17 -29.13 3.87
C PRO A 178 -15.22 -29.99 4.66
N GLN A 179 -14.92 -31.23 4.25
CA GLN A 179 -14.11 -32.09 5.04
C GLN A 179 -12.66 -31.62 5.09
N GLN A 180 -12.24 -31.10 3.94
CA GLN A 180 -10.87 -30.57 3.72
C GLN A 180 -10.67 -29.37 4.68
N ALA A 181 -11.65 -28.49 4.67
CA ALA A 181 -11.51 -27.34 5.57
C ALA A 181 -11.55 -27.76 7.02
N GLN A 182 -12.53 -28.58 7.38
CA GLN A 182 -12.71 -29.01 8.78
C GLN A 182 -11.48 -29.74 9.31
N GLU A 183 -10.84 -30.57 8.45
CA GLU A 183 -9.66 -31.31 8.86
C GLU A 183 -8.53 -30.35 9.32
N VAL A 184 -8.27 -29.31 8.51
CA VAL A 184 -7.26 -28.30 8.87
C VAL A 184 -7.72 -27.44 10.04
N HIS A 185 -8.97 -26.95 10.01
CA HIS A 185 -9.42 -26.13 11.16
C HIS A 185 -9.33 -26.88 12.51
N GLU A 186 -9.69 -28.18 12.50
CA GLU A 186 -9.66 -28.99 13.70
C GLU A 186 -8.24 -29.08 14.25
N LYS A 187 -7.28 -29.27 13.36
CA LYS A 187 -5.88 -29.34 13.70
C LYS A 187 -5.34 -28.01 14.24
N LEU A 188 -5.73 -26.94 13.55
CA LEU A 188 -5.33 -25.62 14.02
C LEU A 188 -5.88 -25.35 15.41
N ARG A 189 -7.11 -25.73 15.66
CA ARG A 189 -7.70 -25.53 16.95
C ARG A 189 -6.96 -26.34 18.04
N GLY A 190 -6.59 -27.57 17.68
CA GLY A 190 -5.77 -28.44 18.52
C GLY A 190 -4.41 -27.84 18.80
N TRP A 191 -3.82 -27.21 17.77
CA TRP A 191 -2.56 -26.50 17.92
C TRP A 191 -2.71 -25.40 18.96
N LEU A 192 -3.77 -24.59 18.85
CA LEU A 192 -4.03 -23.54 19.86
C LEU A 192 -4.19 -24.12 21.24
N LYS A 193 -4.94 -25.21 21.36
CA LYS A 193 -5.15 -25.85 22.68
C LYS A 193 -3.83 -26.29 23.30
N SER A 194 -2.97 -26.92 22.52
CA SER A 194 -1.73 -27.52 23.01
C SER A 194 -0.63 -26.52 23.26
N ASN A 195 -0.64 -25.40 22.53
CA ASN A 195 0.48 -24.49 22.52
C ASN A 195 0.17 -23.14 23.12
N VAL A 196 -1.12 -22.83 23.33
CA VAL A 196 -1.54 -21.60 23.99
C VAL A 196 -2.38 -21.96 25.25
N SER A 197 -3.66 -22.23 25.08
CA SER A 197 -4.57 -22.52 26.21
C SER A 197 -5.89 -23.08 25.73
N ASP A 198 -6.65 -23.72 26.63
CA ASP A 198 -7.97 -24.17 26.28
C ASP A 198 -8.86 -23.00 25.92
N ALA A 199 -8.77 -21.92 26.70
CA ALA A 199 -9.61 -20.75 26.48
C ALA A 199 -9.37 -20.16 25.10
N VAL A 200 -8.11 -20.09 24.69
CA VAL A 200 -7.78 -19.46 23.38
C VAL A 200 -8.29 -20.36 22.27
N ALA A 201 -8.12 -21.68 22.43
CA ALA A 201 -8.69 -22.60 21.44
C ALA A 201 -10.22 -22.48 21.33
N GLN A 202 -10.89 -22.33 22.48
CA GLN A 202 -12.33 -22.26 22.49
C GLN A 202 -12.89 -20.97 21.92
N SER A 203 -12.12 -19.87 22.05
CA SER A 203 -12.66 -18.55 21.76
C SER A 203 -12.20 -18.00 20.40
N THR A 204 -11.15 -18.57 19.82
CA THR A 204 -10.60 -17.99 18.58
C THR A 204 -11.35 -18.44 17.35
N ARG A 205 -11.85 -17.47 16.57
CA ARG A 205 -12.51 -17.79 15.31
C ARG A 205 -11.42 -18.23 14.33
N ILE A 206 -11.67 -19.37 13.70
CA ILE A 206 -10.88 -19.85 12.58
C ILE A 206 -11.76 -19.86 11.37
N ILE A 207 -11.55 -18.93 10.44
CA ILE A 207 -12.41 -18.77 9.28
C ILE A 207 -11.71 -19.37 8.06
N TYR A 208 -12.51 -19.80 7.06
CA TYR A 208 -12.01 -20.38 5.85
C TYR A 208 -12.12 -19.35 4.72
N GLY A 209 -11.12 -19.31 3.87
CA GLY A 209 -11.22 -18.62 2.63
C GLY A 209 -10.63 -19.39 1.49
N GLY A 210 -11.20 -19.16 0.30
CA GLY A 210 -10.68 -19.78 -0.93
C GLY A 210 -11.85 -20.10 -1.80
N SER A 211 -12.26 -19.18 -2.65
CA SER A 211 -13.40 -19.35 -3.52
C SER A 211 -14.72 -19.69 -2.80
N VAL A 212 -14.92 -19.06 -1.65
CA VAL A 212 -16.21 -19.14 -0.96
C VAL A 212 -17.29 -18.42 -1.79
N THR A 213 -18.41 -19.08 -2.02
CA THR A 213 -19.48 -18.50 -2.81
C THR A 213 -20.82 -18.86 -2.13
N GLY A 214 -21.88 -18.24 -2.64
CA GLY A 214 -23.23 -18.54 -2.16
C GLY A 214 -23.54 -20.03 -2.31
N ALA A 215 -22.99 -20.69 -3.29
CA ALA A 215 -23.32 -22.12 -3.52
C ALA A 215 -22.55 -23.03 -2.55
N THR A 216 -21.44 -22.58 -1.94
CA THR A 216 -20.64 -23.47 -1.08
C THR A 216 -20.67 -23.11 0.35
N CYS A 217 -21.22 -21.94 0.71
CA CYS A 217 -21.02 -21.43 2.05
C CYS A 217 -21.74 -22.17 3.20
N LYS A 218 -22.97 -22.65 2.94
CA LYS A 218 -23.69 -23.31 4.03
C LYS A 218 -23.05 -24.63 4.50
N GLU A 219 -22.58 -25.47 3.57
CA GLU A 219 -22.02 -26.75 3.94
C GLU A 219 -20.68 -26.54 4.62
N LEU A 220 -19.87 -25.56 4.16
CA LEU A 220 -18.70 -25.21 4.88
C LEU A 220 -19.01 -24.68 6.29
N ALA A 221 -19.97 -23.80 6.45
CA ALA A 221 -20.25 -23.14 7.74
C ALA A 221 -20.79 -24.13 8.77
N SER A 222 -21.35 -25.21 8.26
CA SER A 222 -21.91 -26.22 9.20
C SER A 222 -20.78 -27.08 9.88
N GLN A 223 -19.57 -27.09 9.32
CA GLN A 223 -18.51 -27.83 9.91
C GLN A 223 -18.14 -27.21 11.27
N PRO A 224 -17.93 -28.02 12.30
CA PRO A 224 -17.88 -27.47 13.66
C PRO A 224 -16.71 -26.55 14.00
N ASP A 225 -15.62 -26.66 13.24
CA ASP A 225 -14.45 -25.82 13.50
C ASP A 225 -14.29 -24.70 12.45
N VAL A 226 -15.26 -24.56 11.58
CA VAL A 226 -15.26 -23.51 10.55
C VAL A 226 -16.21 -22.38 11.03
N ASP A 227 -15.61 -21.25 11.48
CA ASP A 227 -16.33 -20.23 12.18
C ASP A 227 -16.74 -18.99 11.32
N GLY A 228 -16.60 -19.12 10.02
CA GLY A 228 -16.88 -18.05 9.10
C GLY A 228 -15.99 -18.07 7.93
N PHE A 229 -15.86 -16.93 7.24
CA PHE A 229 -15.20 -16.86 5.97
C PHE A 229 -14.49 -15.55 5.78
N LEU A 230 -13.45 -15.66 4.96
CA LEU A 230 -12.86 -14.48 4.30
C LEU A 230 -13.11 -14.67 2.81
N VAL A 231 -13.80 -13.74 2.23
CA VAL A 231 -14.35 -13.83 0.86
C VAL A 231 -13.72 -12.78 -0.03
N GLY A 232 -13.17 -13.23 -1.15
CA GLY A 232 -12.56 -12.28 -2.12
C GLY A 232 -13.60 -11.98 -3.18
N GLY A 233 -13.58 -12.80 -4.25
CA GLY A 233 -14.38 -12.42 -5.43
C GLY A 233 -15.88 -12.23 -5.14
N ALA A 234 -16.45 -13.09 -4.33
CA ALA A 234 -17.86 -12.99 -4.03
C ALA A 234 -18.21 -11.86 -3.10
N SER A 235 -17.21 -11.17 -2.51
CA SER A 235 -17.53 -10.01 -1.67
C SER A 235 -17.91 -8.75 -2.46
N LEU A 236 -17.71 -8.81 -3.78
CA LEU A 236 -17.97 -7.69 -4.68
C LEU A 236 -19.37 -7.84 -5.30
N LYS A 237 -20.07 -8.93 -4.94
CA LYS A 237 -21.42 -9.21 -5.48
C LYS A 237 -22.49 -9.20 -4.40
N PRO A 238 -23.76 -9.22 -4.82
CA PRO A 238 -24.81 -9.27 -3.77
C PRO A 238 -24.85 -10.63 -3.10
N GLU A 239 -24.24 -11.63 -3.64
CA GLU A 239 -24.13 -12.92 -3.03
C GLU A 239 -23.43 -12.91 -1.66
N PHE A 240 -22.63 -11.90 -1.45
CA PHE A 240 -21.94 -11.75 -0.19
C PHE A 240 -22.95 -11.81 0.95
N VAL A 241 -24.13 -11.25 0.72
CA VAL A 241 -25.18 -11.28 1.73
C VAL A 241 -25.65 -12.69 2.02
N ASP A 242 -25.82 -13.54 1.01
CA ASP A 242 -26.07 -14.98 1.25
C ASP A 242 -24.98 -15.58 2.12
N ILE A 243 -23.71 -15.21 1.88
CA ILE A 243 -22.63 -15.71 2.72
C ILE A 243 -22.73 -15.30 4.20
N ILE A 244 -23.06 -14.03 4.42
CA ILE A 244 -23.29 -13.53 5.77
C ILE A 244 -24.35 -14.40 6.48
N ASN A 245 -25.33 -14.86 5.70
CA ASN A 245 -26.44 -15.66 6.24
C ASN A 245 -26.21 -17.15 6.10
N ALA A 246 -24.93 -17.56 6.03
CA ALA A 246 -24.61 -18.98 5.81
C ALA A 246 -25.14 -19.91 6.92
N LYS A 247 -25.32 -19.41 8.15
CA LYS A 247 -25.78 -20.26 9.28
C LYS A 247 -27.29 -20.22 9.45
N GLN A 248 -27.93 -19.41 8.61
CA GLN A 248 -29.38 -19.19 8.76
C GLN A 248 -30.16 -20.30 8.07
N SER B 3 11.33 26.75 -21.50
CA SER B 3 11.98 26.61 -20.19
C SER B 3 11.23 25.52 -19.40
N ARG B 4 11.92 24.77 -18.58
CA ARG B 4 11.22 23.75 -17.81
C ARG B 4 10.59 24.38 -16.57
N LYS B 5 9.35 24.03 -16.22
CA LYS B 5 8.71 24.59 -15.05
C LYS B 5 9.31 23.94 -13.79
N PHE B 6 9.69 24.78 -12.84
CA PHE B 6 10.27 24.35 -11.59
C PHE B 6 9.23 23.44 -10.85
N PHE B 7 9.68 22.33 -10.33
CA PHE B 7 8.80 21.30 -9.77
C PHE B 7 9.21 20.98 -8.36
N VAL B 8 8.31 21.12 -7.40
CA VAL B 8 8.56 20.79 -6.02
C VAL B 8 7.52 19.81 -5.50
N GLY B 9 8.00 18.60 -5.20
CA GLY B 9 7.13 17.57 -4.57
C GLY B 9 7.46 17.41 -3.11
N GLY B 10 6.42 17.17 -2.31
CA GLY B 10 6.56 16.86 -0.90
C GLY B 10 6.06 15.45 -0.66
N ASN B 11 6.94 14.55 -0.23
CA ASN B 11 6.64 13.17 0.04
C ASN B 11 6.47 12.99 1.53
N TRP B 12 5.21 12.89 2.00
CA TRP B 12 4.89 12.80 3.41
C TRP B 12 5.24 11.42 3.97
N LYS B 13 5.61 10.47 3.13
CA LYS B 13 5.89 9.10 3.50
C LYS B 13 4.78 8.56 4.45
N MET B 14 5.16 7.77 5.42
CA MET B 14 4.23 7.17 6.35
C MET B 14 4.16 8.04 7.60
N ASN B 15 3.64 9.23 7.43
CA ASN B 15 3.47 10.20 8.52
C ASN B 15 2.18 10.91 8.45
N GLY B 16 1.60 11.17 9.59
CA GLY B 16 0.43 12.01 9.67
C GLY B 16 -0.84 11.29 10.02
N ARG B 17 -1.76 12.08 10.57
CA ARG B 17 -3.17 11.69 10.81
C ARG B 17 -4.00 12.88 10.28
N LYS B 18 -5.32 12.72 10.26
CA LYS B 18 -6.13 13.81 9.75
C LYS B 18 -5.90 15.13 10.49
N LYS B 19 -5.71 15.10 11.78
CA LYS B 19 -5.46 16.34 12.57
C LYS B 19 -4.20 17.07 12.16
N ASN B 20 -3.06 16.43 12.22
CA ASN B 20 -1.81 17.15 11.90
C ASN B 20 -1.68 17.39 10.38
N LEU B 21 -2.15 16.48 9.56
CA LEU B 21 -2.06 16.74 8.13
C LEU B 21 -3.04 17.88 7.71
N GLY B 22 -4.22 17.90 8.30
CA GLY B 22 -5.20 18.97 8.05
C GLY B 22 -4.53 20.31 8.40
N GLU B 23 -3.82 20.37 9.50
CA GLU B 23 -3.13 21.67 9.86
C GLU B 23 -2.06 22.04 8.90
N LEU B 24 -1.25 21.06 8.48
CA LEU B 24 -0.24 21.32 7.46
C LEU B 24 -0.87 21.82 6.16
N ILE B 25 -1.96 21.19 5.76
CA ILE B 25 -2.64 21.59 4.54
C ILE B 25 -3.17 23.06 4.59
N THR B 26 -3.66 23.43 5.75
CA THR B 26 -4.12 24.80 5.91
C THR B 26 -2.96 25.80 5.67
N THR B 27 -1.81 25.45 6.25
CA THR B 27 -0.60 26.27 6.03
C THR B 27 -0.18 26.29 4.59
N LEU B 28 -0.27 25.18 3.89
CA LEU B 28 0.09 25.15 2.45
C LEU B 28 -0.88 25.92 1.59
N ASN B 29 -2.17 25.87 1.91
CA ASN B 29 -3.20 26.54 1.13
C ASN B 29 -3.03 28.07 1.24
N ALA B 30 -2.39 28.50 2.31
CA ALA B 30 -2.17 29.95 2.51
C ALA B 30 -0.84 30.44 1.89
N ALA B 31 -0.07 29.52 1.34
CA ALA B 31 1.25 29.83 0.78
C ALA B 31 1.04 30.38 -0.63
N LYS B 32 2.02 31.16 -1.06
CA LYS B 32 2.01 31.73 -2.43
C LYS B 32 2.89 30.87 -3.35
N VAL B 33 2.25 30.13 -4.24
CA VAL B 33 2.98 29.31 -5.22
C VAL B 33 3.37 30.20 -6.41
N PRO B 34 4.71 30.31 -6.66
CA PRO B 34 5.05 31.12 -7.83
C PRO B 34 4.41 30.65 -9.14
N ALA B 35 4.25 31.59 -10.05
CA ALA B 35 3.61 31.31 -11.34
C ALA B 35 4.40 30.32 -12.14
N ASP B 36 5.70 30.21 -11.85
CA ASP B 36 6.55 29.36 -12.62
C ASP B 36 6.90 28.06 -11.89
N THR B 37 6.02 27.64 -10.98
CA THR B 37 6.29 26.46 -10.17
C THR B 37 5.10 25.54 -10.08
N GLU B 38 5.40 24.22 -10.13
CA GLU B 38 4.40 23.18 -10.03
C GLU B 38 4.66 22.47 -8.68
N VAL B 39 3.66 22.45 -7.80
CA VAL B 39 3.81 21.89 -6.44
C VAL B 39 2.89 20.64 -6.31
N VAL B 40 3.47 19.58 -5.78
CA VAL B 40 2.78 18.32 -5.66
C VAL B 40 3.00 17.79 -4.23
N CYS B 41 1.95 17.27 -3.59
CA CYS B 41 2.09 16.64 -2.29
C CYS B 41 1.65 15.18 -2.36
N ALA B 42 2.43 14.30 -1.72
CA ALA B 42 2.14 12.85 -1.74
C ALA B 42 1.82 12.33 -0.34
N PRO B 43 0.52 12.24 0.00
CA PRO B 43 0.10 11.86 1.33
C PRO B 43 0.19 10.35 1.47
N PRO B 44 0.16 9.82 2.69
CA PRO B 44 0.00 8.40 2.83
C PRO B 44 -1.26 7.92 2.09
N THR B 45 -1.26 6.66 1.68
CA THR B 45 -2.29 6.20 0.75
C THR B 45 -3.70 6.31 1.30
N ALA B 46 -3.84 6.10 2.62
CA ALA B 46 -5.13 6.24 3.27
C ALA B 46 -5.71 7.67 3.26
N TYR B 47 -4.86 8.67 2.96
CA TYR B 47 -5.26 10.05 2.97
C TYR B 47 -5.20 10.76 1.61
N ILE B 48 -5.07 10.01 0.53
CA ILE B 48 -5.06 10.63 -0.83
C ILE B 48 -6.34 11.45 -1.02
N ASP B 49 -7.47 10.82 -0.72
CA ASP B 49 -8.78 11.43 -0.95
C ASP B 49 -8.94 12.63 0.01
N PHE B 50 -8.69 12.43 1.29
CA PHE B 50 -8.73 13.49 2.31
C PHE B 50 -7.89 14.68 1.88
N ALA B 51 -6.65 14.44 1.47
CA ALA B 51 -5.75 15.52 1.14
C ALA B 51 -6.26 16.26 -0.11
N ARG B 52 -6.75 15.55 -1.13
CA ARG B 52 -7.25 16.25 -2.29
C ARG B 52 -8.48 17.12 -1.95
N GLN B 53 -9.33 16.62 -1.06
CA GLN B 53 -10.45 17.42 -0.65
C GLN B 53 -10.01 18.67 0.04
N LYS B 54 -8.98 18.60 0.87
CA LYS B 54 -8.58 19.72 1.72
C LYS B 54 -7.63 20.68 1.06
N LEU B 55 -6.81 20.17 0.14
CA LEU B 55 -5.84 21.02 -0.53
C LEU B 55 -6.51 21.90 -1.60
N ASP B 56 -6.03 23.15 -1.66
CA ASP B 56 -6.40 24.08 -2.75
C ASP B 56 -5.95 23.49 -4.10
N PRO B 57 -6.70 23.70 -5.17
CA PRO B 57 -6.36 23.08 -6.46
C PRO B 57 -4.99 23.54 -7.04
N LYS B 58 -4.45 24.63 -6.54
CA LYS B 58 -3.14 25.05 -6.95
C LYS B 58 -2.04 24.04 -6.57
N ILE B 59 -2.32 23.11 -5.68
CA ILE B 59 -1.40 22.06 -5.29
C ILE B 59 -1.99 20.73 -5.80
N ALA B 60 -1.16 19.94 -6.47
CA ALA B 60 -1.60 18.66 -6.95
C ALA B 60 -1.33 17.61 -5.88
N VAL B 61 -2.03 16.50 -5.99
CA VAL B 61 -1.81 15.32 -5.15
C VAL B 61 -1.22 14.19 -5.92
N ALA B 62 -0.30 13.52 -5.28
CA ALA B 62 0.31 12.30 -5.78
C ALA B 62 0.09 11.16 -4.85
N ALA B 63 -0.09 9.96 -5.39
CA ALA B 63 0.04 8.73 -4.62
C ALA B 63 1.56 8.40 -4.45
N GLN B 64 1.85 7.69 -3.36
CA GLN B 64 3.20 7.27 -3.05
C GLN B 64 3.66 6.02 -3.77
N ASN B 65 2.76 5.31 -4.39
CA ASN B 65 3.01 4.08 -5.09
C ASN B 65 1.72 3.63 -5.78
N CYS B 66 1.86 2.68 -6.70
CA CYS B 66 0.71 2.03 -7.33
C CYS B 66 1.11 0.68 -7.83
N TYR B 67 0.15 -0.06 -8.36
CA TYR B 67 0.45 -1.32 -9.02
C TYR B 67 0.24 -1.17 -10.54
N LYS B 68 0.27 -2.29 -11.27
CA LYS B 68 0.53 -2.28 -12.70
C LYS B 68 -0.64 -2.82 -13.56
N VAL B 69 -1.80 -2.98 -12.95
CA VAL B 69 -3.04 -3.28 -13.62
C VAL B 69 -4.19 -2.48 -13.07
N THR B 70 -5.26 -2.37 -13.87
CA THR B 70 -6.33 -1.48 -13.56
C THR B 70 -7.21 -1.93 -12.37
N ASN B 71 -7.38 -3.24 -12.25
CA ASN B 71 -8.11 -3.89 -11.15
C ASN B 71 -7.60 -5.27 -11.05
N GLY B 72 -7.61 -5.85 -9.87
CA GLY B 72 -7.31 -7.26 -9.80
C GLY B 72 -7.05 -7.78 -8.36
N ALA B 73 -6.53 -8.96 -8.30
CA ALA B 73 -6.41 -9.72 -7.07
C ALA B 73 -5.09 -9.43 -6.37
N PHE B 74 -4.98 -8.18 -5.92
CA PHE B 74 -3.69 -7.68 -5.31
C PHE B 74 -4.00 -6.95 -4.03
N THR B 75 -4.28 -7.74 -3.00
CA THR B 75 -4.61 -7.25 -1.67
C THR B 75 -3.49 -6.30 -1.25
N GLY B 76 -3.89 -5.11 -0.82
CA GLY B 76 -2.98 -4.09 -0.36
C GLY B 76 -2.42 -3.14 -1.35
N GLU B 77 -2.84 -3.30 -2.62
CA GLU B 77 -2.38 -2.41 -3.70
C GLU B 77 -3.46 -1.48 -4.14
N ILE B 78 -3.10 -0.39 -4.85
CA ILE B 78 -4.03 0.51 -5.49
C ILE B 78 -3.59 0.72 -6.96
N SER B 79 -4.53 1.03 -7.85
CA SER B 79 -4.24 1.22 -9.26
C SER B 79 -4.26 2.69 -9.65
N PRO B 80 -3.58 3.00 -10.77
CA PRO B 80 -3.74 4.35 -11.28
C PRO B 80 -5.18 4.82 -11.44
N GLY B 81 -6.07 3.91 -11.84
CA GLY B 81 -7.48 4.33 -11.94
C GLY B 81 -8.09 4.81 -10.63
N MET B 82 -7.72 4.16 -9.52
CA MET B 82 -8.15 4.61 -8.22
C MET B 82 -7.57 5.93 -7.87
N ILE B 83 -6.30 6.14 -8.18
CA ILE B 83 -5.61 7.40 -7.83
C ILE B 83 -6.28 8.54 -8.58
N LYS B 84 -6.52 8.38 -9.89
CA LYS B 84 -7.27 9.36 -10.67
C LYS B 84 -8.67 9.61 -10.12
N ASP B 85 -9.34 8.52 -9.73
CA ASP B 85 -10.70 8.62 -9.18
C ASP B 85 -10.77 9.45 -7.93
N CYS B 86 -9.70 9.48 -7.15
CA CYS B 86 -9.59 10.27 -5.94
C CYS B 86 -9.10 11.69 -6.18
N GLY B 87 -8.89 12.02 -7.45
CA GLY B 87 -8.51 13.37 -7.90
C GLY B 87 -7.04 13.65 -7.89
N ALA B 88 -6.24 12.62 -7.65
CA ALA B 88 -4.77 12.79 -7.67
C ALA B 88 -4.31 12.68 -9.14
N THR B 89 -3.19 13.32 -9.46
CA THR B 89 -2.74 13.37 -10.86
C THR B 89 -1.33 12.89 -11.07
N TRP B 90 -0.67 12.42 -10.01
CA TRP B 90 0.67 11.88 -10.10
C TRP B 90 0.81 10.64 -9.25
N VAL B 91 1.85 9.81 -9.53
CA VAL B 91 2.29 8.78 -8.64
C VAL B 91 3.79 8.79 -8.55
N VAL B 92 4.31 8.57 -7.37
CA VAL B 92 5.77 8.38 -7.15
C VAL B 92 6.06 6.88 -7.37
N LEU B 93 7.00 6.59 -8.24
CA LEU B 93 7.39 5.19 -8.56
C LEU B 93 8.88 5.00 -8.44
N GLY B 94 9.27 3.86 -7.91
CA GLY B 94 10.69 3.52 -7.76
C GLY B 94 11.36 4.23 -6.61
N HIS B 95 10.57 4.74 -5.65
CA HIS B 95 11.21 5.35 -4.52
C HIS B 95 12.17 4.39 -3.83
N SER B 96 13.25 4.97 -3.33
CA SER B 96 14.29 4.23 -2.58
C SER B 96 13.73 3.24 -1.56
N GLU B 97 12.73 3.67 -0.80
CA GLU B 97 12.17 2.83 0.21
C GLU B 97 11.48 1.63 -0.46
N ARG B 98 10.80 1.85 -1.57
CA ARG B 98 10.20 0.71 -2.28
C ARG B 98 11.24 -0.27 -2.80
N ARG B 99 12.29 0.28 -3.41
CA ARG B 99 13.36 -0.56 -3.97
C ARG B 99 14.09 -1.33 -2.89
N HIS B 100 14.42 -0.65 -1.80
CA HIS B 100 15.44 -1.17 -0.90
C HIS B 100 14.93 -1.66 0.44
N VAL B 101 13.72 -1.31 0.81
CA VAL B 101 13.07 -1.89 1.99
C VAL B 101 12.10 -2.94 1.52
N PHE B 102 11.38 -2.67 0.42
CA PHE B 102 10.28 -3.55 -0.01
C PHE B 102 10.61 -4.36 -1.25
N GLY B 103 11.86 -4.22 -1.72
CA GLY B 103 12.41 -5.16 -2.70
C GLY B 103 11.79 -5.07 -4.10
N GLU B 104 11.29 -3.88 -4.48
CA GLU B 104 10.76 -3.71 -5.82
C GLU B 104 11.87 -3.68 -6.85
N SER B 105 11.72 -4.54 -7.85
CA SER B 105 12.76 -4.61 -8.88
C SER B 105 12.58 -3.55 -9.95
N ASP B 106 13.67 -3.31 -10.70
CA ASP B 106 13.62 -2.41 -11.83
C ASP B 106 12.54 -2.83 -12.83
N GLU B 107 12.42 -4.12 -13.06
CA GLU B 107 11.45 -4.70 -13.98
C GLU B 107 10.03 -4.37 -13.53
N LEU B 108 9.76 -4.50 -12.21
CA LEU B 108 8.48 -4.16 -11.71
C LEU B 108 8.19 -2.65 -11.80
N ILE B 109 9.18 -1.85 -11.51
CA ILE B 109 9.03 -0.40 -11.58
C ILE B 109 8.73 0.01 -13.06
N GLY B 110 9.43 -0.62 -14.02
CA GLY B 110 9.18 -0.29 -15.41
C GLY B 110 7.72 -0.64 -15.83
N GLN B 111 7.20 -1.77 -15.33
CA GLN B 111 5.82 -2.12 -15.65
C GLN B 111 4.85 -1.12 -15.04
N LYS B 112 5.15 -0.65 -13.81
CA LYS B 112 4.28 0.34 -13.20
C LYS B 112 4.32 1.65 -13.97
N VAL B 113 5.52 2.07 -14.40
CA VAL B 113 5.64 3.29 -15.17
C VAL B 113 4.81 3.19 -16.45
N ALA B 114 4.92 2.06 -17.14
CA ALA B 114 4.18 1.88 -18.39
C ALA B 114 2.68 1.97 -18.14
N HIS B 115 2.21 1.30 -17.09
CA HIS B 115 0.77 1.25 -16.82
C HIS B 115 0.25 2.61 -16.39
N ALA B 116 0.94 3.29 -15.47
CA ALA B 116 0.48 4.57 -14.99
C ALA B 116 0.40 5.57 -16.15
N LEU B 117 1.45 5.61 -16.98
CA LEU B 117 1.45 6.55 -18.09
C LEU B 117 0.41 6.23 -19.15
N SER B 118 0.20 4.95 -19.39
CA SER B 118 -0.83 4.55 -20.35
CA SER B 118 -0.82 4.53 -20.36
C SER B 118 -2.20 5.00 -19.87
N GLU B 119 -2.37 5.03 -18.54
CA GLU B 119 -3.62 5.49 -17.94
C GLU B 119 -3.71 6.98 -17.68
N GLY B 120 -2.74 7.73 -18.18
CA GLY B 120 -2.79 9.17 -18.08
C GLY B 120 -2.45 9.80 -16.73
N LEU B 121 -1.75 9.02 -15.90
CA LEU B 121 -1.35 9.51 -14.60
C LEU B 121 0.11 9.91 -14.72
N GLY B 122 0.44 11.07 -14.19
CA GLY B 122 1.83 11.60 -14.14
C GLY B 122 2.67 10.71 -13.24
N VAL B 123 3.94 10.61 -13.58
CA VAL B 123 4.88 9.73 -12.87
C VAL B 123 6.10 10.54 -12.43
N ILE B 124 6.40 10.51 -11.14
CA ILE B 124 7.66 10.96 -10.58
C ILE B 124 8.49 9.69 -10.42
N ALA B 125 9.45 9.49 -11.32
CA ALA B 125 10.19 8.24 -11.36
C ALA B 125 11.55 8.46 -10.70
N CYS B 126 11.82 7.71 -9.65
CA CYS B 126 13.00 7.92 -8.82
C CYS B 126 14.11 6.97 -9.20
N ILE B 127 15.31 7.52 -9.15
CA ILE B 127 16.52 6.75 -9.37
C ILE B 127 17.56 7.21 -8.36
N GLY B 128 18.60 6.43 -8.20
CA GLY B 128 19.68 6.89 -7.33
C GLY B 128 20.56 5.72 -6.92
N GLU B 129 21.81 6.06 -6.63
CA GLU B 129 22.81 5.06 -6.16
C GLU B 129 22.90 4.98 -4.67
N LYS B 130 23.28 3.80 -4.19
CA LYS B 130 23.61 3.52 -2.80
C LYS B 130 25.01 4.02 -2.46
N LEU B 131 25.25 4.16 -1.16
CA LEU B 131 26.54 4.69 -0.67
C LEU B 131 27.70 3.83 -1.20
N ASP B 132 27.56 2.51 -1.15
CA ASP B 132 28.65 1.66 -1.62
C ASP B 132 28.92 1.79 -3.11
N GLU B 133 27.91 2.16 -3.88
CA GLU B 133 28.07 2.35 -5.32
C GLU B 133 28.73 3.67 -5.60
N ARG B 134 28.37 4.69 -4.84
CA ARG B 134 28.95 6.01 -4.95
C ARG B 134 30.48 5.91 -4.65
N GLU B 135 30.77 5.21 -3.58
CA GLU B 135 32.17 5.08 -3.12
C GLU B 135 33.00 4.25 -4.11
N ALA B 136 32.37 3.25 -4.74
CA ALA B 136 33.02 2.55 -5.86
C ALA B 136 33.18 3.33 -7.17
N GLY B 137 32.64 4.53 -7.26
CA GLY B 137 32.77 5.37 -8.46
C GLY B 137 31.82 5.01 -9.59
N ILE B 138 30.71 4.30 -9.31
CA ILE B 138 29.86 3.76 -10.40
C ILE B 138 28.46 4.38 -10.37
N THR B 139 28.33 5.53 -9.75
CA THR B 139 27.04 6.28 -9.75
C THR B 139 26.42 6.29 -11.14
N GLU B 140 27.19 6.65 -12.16
CA GLU B 140 26.66 6.87 -13.51
C GLU B 140 26.08 5.58 -14.05
N LYS B 141 26.84 4.50 -13.91
CA LYS B 141 26.40 3.21 -14.36
C LYS B 141 25.02 2.84 -13.73
N VAL B 142 24.91 3.02 -12.41
CA VAL B 142 23.71 2.65 -11.67
C VAL B 142 22.54 3.52 -12.14
N VAL B 143 22.72 4.84 -12.20
CA VAL B 143 21.58 5.71 -12.53
C VAL B 143 21.18 5.61 -14.00
N PHE B 144 22.17 5.35 -14.87
CA PHE B 144 21.85 5.20 -16.26
C PHE B 144 21.06 3.90 -16.50
N GLU B 145 21.43 2.85 -15.79
CA GLU B 145 20.74 1.58 -15.91
C GLU B 145 19.29 1.72 -15.43
N GLN B 146 19.11 2.45 -14.32
CA GLN B 146 17.73 2.67 -13.82
C GLN B 146 16.92 3.52 -14.76
N THR B 147 17.54 4.56 -15.30
CA THR B 147 16.89 5.50 -16.22
C THR B 147 16.51 4.79 -17.52
N LYS B 148 17.38 3.91 -18.03
CA LYS B 148 17.02 3.15 -19.20
C LYS B 148 15.74 2.33 -19.02
N VAL B 149 15.62 1.66 -17.88
CA VAL B 149 14.44 0.84 -17.64
C VAL B 149 13.20 1.77 -17.63
N ILE B 150 13.28 2.92 -16.96
CA ILE B 150 12.18 3.91 -16.96
C ILE B 150 11.87 4.39 -18.38
N ALA B 151 12.93 4.82 -19.09
CA ALA B 151 12.76 5.36 -20.42
C ALA B 151 12.12 4.35 -21.39
N ASP B 152 12.46 3.10 -21.23
CA ASP B 152 11.98 2.06 -22.15
C ASP B 152 10.45 1.88 -21.96
N ASN B 153 9.94 2.36 -20.84
CA ASN B 153 8.53 2.25 -20.51
C ASN B 153 7.75 3.52 -20.52
N VAL B 154 8.35 4.62 -20.97
CA VAL B 154 7.68 5.88 -20.93
C VAL B 154 6.75 6.00 -22.12
N LYS B 155 5.46 6.10 -21.82
CA LYS B 155 4.46 6.22 -22.88
C LYS B 155 4.10 7.65 -23.20
N ASP B 156 4.55 8.63 -22.40
CA ASP B 156 4.16 10.02 -22.54
C ASP B 156 5.15 10.84 -21.72
N TRP B 157 6.23 11.30 -22.35
CA TRP B 157 7.24 12.06 -21.65
C TRP B 157 6.76 13.37 -21.05
N SER B 158 5.65 13.91 -21.52
CA SER B 158 5.09 15.14 -21.01
C SER B 158 4.57 14.92 -19.59
N LYS B 159 4.41 13.65 -19.23
CA LYS B 159 3.86 13.32 -17.92
C LYS B 159 4.86 12.66 -17.00
N VAL B 160 6.16 12.76 -17.29
CA VAL B 160 7.22 12.22 -16.44
C VAL B 160 8.09 13.30 -15.87
N VAL B 161 8.47 13.09 -14.63
CA VAL B 161 9.50 13.84 -13.92
C VAL B 161 10.45 12.82 -13.42
N LEU B 162 11.74 13.02 -13.68
CA LEU B 162 12.80 12.17 -13.18
C LEU B 162 13.35 12.72 -11.86
N ALA B 163 13.44 11.90 -10.84
CA ALA B 163 13.91 12.32 -9.52
C ALA B 163 15.18 11.60 -9.14
N TYR B 164 16.30 12.33 -9.17
CA TYR B 164 17.58 11.73 -8.71
C TYR B 164 17.67 11.92 -7.19
N GLU B 165 17.69 10.84 -6.49
CA GLU B 165 17.74 10.82 -5.03
C GLU B 165 18.78 9.81 -4.58
N PRO B 166 20.01 10.30 -4.35
CA PRO B 166 21.02 9.36 -3.88
C PRO B 166 20.63 8.79 -2.57
N VAL B 167 20.73 7.47 -2.45
CA VAL B 167 20.17 6.79 -1.30
C VAL B 167 20.83 7.25 0.04
N TRP B 168 22.10 7.54 -0.04
CA TRP B 168 22.84 7.97 1.15
C TRP B 168 22.45 9.35 1.60
N ALA B 169 21.68 10.09 0.77
CA ALA B 169 21.20 11.42 1.16
C ALA B 169 19.76 11.36 1.69
N ILE B 170 19.06 10.24 1.61
CA ILE B 170 17.61 10.21 2.01
C ILE B 170 17.47 10.01 3.50
N GLY B 171 16.97 11.05 4.16
CA GLY B 171 16.65 10.97 5.55
C GLY B 171 17.88 11.04 6.45
N THR B 172 19.04 11.18 5.87
CA THR B 172 20.28 11.07 6.68
C THR B 172 20.85 12.43 7.11
N GLY B 173 20.30 13.51 6.56
CA GLY B 173 20.85 14.83 6.76
C GLY B 173 22.00 15.10 5.84
N LYS B 174 22.48 14.09 5.09
CA LYS B 174 23.62 14.21 4.16
C LYS B 174 23.22 14.72 2.77
N THR B 175 22.83 15.97 2.72
CA THR B 175 22.55 16.63 1.47
C THR B 175 23.67 16.58 0.45
N ALA B 176 23.37 16.22 -0.78
CA ALA B 176 24.28 16.46 -1.92
C ALA B 176 24.68 17.89 -2.02
N THR B 177 25.94 18.17 -2.38
CA THR B 177 26.32 19.53 -2.74
C THR B 177 25.66 19.96 -4.03
N PRO B 178 25.53 21.25 -4.27
CA PRO B 178 25.09 21.71 -5.56
C PRO B 178 25.86 21.10 -6.71
N GLN B 179 27.19 20.97 -6.58
CA GLN B 179 27.96 20.56 -7.77
C GLN B 179 27.75 19.06 -8.00
N GLN B 180 27.57 18.36 -6.91
CA GLN B 180 27.34 16.90 -6.94
C GLN B 180 26.01 16.60 -7.62
N ALA B 181 25.00 17.34 -7.26
CA ALA B 181 23.72 17.16 -7.91
C ALA B 181 23.77 17.56 -9.37
N GLN B 182 24.36 18.74 -9.67
CA GLN B 182 24.44 19.21 -11.02
C GLN B 182 25.18 18.23 -11.94
N GLU B 183 26.24 17.65 -11.41
CA GLU B 183 27.07 16.70 -12.16
C GLU B 183 26.24 15.50 -12.61
N VAL B 184 25.47 14.90 -11.71
CA VAL B 184 24.58 13.78 -12.05
C VAL B 184 23.43 14.25 -12.93
N HIS B 185 22.76 15.36 -12.59
CA HIS B 185 21.68 15.82 -13.47
C HIS B 185 22.11 16.09 -14.93
N GLU B 186 23.29 16.70 -15.08
CA GLU B 186 23.84 16.99 -16.39
C GLU B 186 24.05 15.74 -17.20
N LYS B 187 24.57 14.71 -16.58
CA LYS B 187 24.81 13.43 -17.21
C LYS B 187 23.52 12.73 -17.58
N LEU B 188 22.57 12.78 -16.66
CA LEU B 188 21.27 12.18 -16.94
C LEU B 188 20.65 12.87 -18.13
N ARG B 189 20.76 14.19 -18.20
CA ARG B 189 20.18 14.93 -19.30
C ARG B 189 20.88 14.55 -20.62
N GLY B 190 22.18 14.37 -20.55
CA GLY B 190 22.97 13.91 -21.69
C GLY B 190 22.58 12.52 -22.14
N TRP B 191 22.25 11.67 -21.15
CA TRP B 191 21.79 10.32 -21.42
C TRP B 191 20.46 10.40 -22.20
N LEU B 192 19.54 11.23 -21.73
CA LEU B 192 18.28 11.44 -22.46
C LEU B 192 18.50 11.97 -23.85
N LYS B 193 19.42 12.91 -24.04
CA LYS B 193 19.69 13.46 -25.36
C LYS B 193 20.19 12.37 -26.31
N SER B 194 21.13 11.56 -25.83
CA SER B 194 21.79 10.56 -26.67
C SER B 194 20.93 9.33 -26.95
N ASN B 195 20.02 8.98 -26.03
CA ASN B 195 19.32 7.71 -26.07
C ASN B 195 17.82 7.87 -26.38
N VAL B 196 17.30 9.09 -26.27
CA VAL B 196 15.90 9.36 -26.56
C VAL B 196 15.77 10.46 -27.62
N SER B 197 15.91 11.72 -27.27
CA SER B 197 15.83 12.85 -28.23
C SER B 197 16.27 14.16 -27.61
N ASP B 198 16.63 15.13 -28.44
CA ASP B 198 16.97 16.42 -27.95
C ASP B 198 15.81 17.05 -27.21
N ALA B 199 14.60 16.94 -27.78
CA ALA B 199 13.41 17.55 -27.20
C ALA B 199 13.13 16.98 -25.81
N VAL B 200 13.30 15.68 -25.68
CA VAL B 200 13.00 15.04 -24.38
C VAL B 200 14.04 15.48 -23.36
N ALA B 201 15.31 15.53 -23.73
CA ALA B 201 16.35 16.07 -22.83
C ALA B 201 16.06 17.50 -22.41
N GLN B 202 15.58 18.32 -23.34
CA GLN B 202 15.33 19.73 -23.06
C GLN B 202 14.09 19.96 -22.16
N SER B 203 13.10 19.10 -22.27
CA SER B 203 11.81 19.34 -21.67
C SER B 203 11.60 18.55 -20.38
N THR B 204 12.39 17.52 -20.12
CA THR B 204 12.16 16.67 -18.92
C THR B 204 12.74 17.32 -17.65
N ARG B 205 11.90 17.54 -16.63
CA ARG B 205 12.37 18.00 -15.35
C ARG B 205 13.13 16.89 -14.67
N ILE B 206 14.38 17.15 -14.25
CA ILE B 206 15.15 16.29 -13.43
C ILE B 206 15.31 16.94 -12.09
N ILE B 207 14.66 16.41 -11.07
CA ILE B 207 14.60 17.04 -9.74
C ILE B 207 15.50 16.26 -8.79
N TYR B 208 16.02 16.92 -7.73
CA TYR B 208 16.92 16.33 -6.80
C TYR B 208 16.13 16.04 -5.52
N GLY B 209 16.40 14.91 -4.89
CA GLY B 209 15.94 14.64 -3.56
C GLY B 209 17.00 14.05 -2.68
N GLY B 210 16.93 14.44 -1.44
CA GLY B 210 17.86 13.97 -0.50
C GLY B 210 18.21 15.04 0.54
N SER B 211 17.55 14.92 1.70
CA SER B 211 17.72 15.87 2.79
C SER B 211 17.76 17.33 2.22
N VAL B 212 16.89 17.64 1.28
CA VAL B 212 16.63 18.97 0.85
C VAL B 212 16.01 19.77 2.02
N THR B 213 16.57 20.94 2.30
CA THR B 213 16.04 21.72 3.42
C THR B 213 16.01 23.21 3.01
N GLY B 214 15.37 24.02 3.83
CA GLY B 214 15.37 25.47 3.60
C GLY B 214 16.79 26.03 3.49
N ALA B 215 17.71 25.43 4.22
CA ALA B 215 19.08 25.95 4.22
C ALA B 215 19.86 25.54 2.97
N THR B 216 19.43 24.51 2.25
CA THR B 216 20.22 24.04 1.10
C THR B 216 19.57 24.28 -0.24
N CYS B 217 18.30 24.66 -0.26
CA CYS B 217 17.55 24.60 -1.47
C CYS B 217 17.90 25.63 -2.55
N LYS B 218 18.25 26.86 -2.13
CA LYS B 218 18.52 27.88 -3.15
C LYS B 218 19.78 27.62 -4.04
N GLU B 219 20.85 27.16 -3.41
CA GLU B 219 22.08 26.90 -4.14
C GLU B 219 21.92 25.67 -4.99
N LEU B 220 21.19 24.66 -4.52
CA LEU B 220 20.86 23.56 -5.37
C LEU B 220 19.99 24.00 -6.58
N ALA B 221 18.93 24.80 -6.35
CA ALA B 221 17.99 25.14 -7.40
C ALA B 221 18.61 26.03 -8.49
N SER B 222 19.67 26.72 -8.09
CA SER B 222 20.35 27.59 -9.07
C SER B 222 21.18 26.81 -10.11
N GLN B 223 21.50 25.53 -9.86
CA GLN B 223 22.23 24.76 -10.85
C GLN B 223 21.39 24.55 -12.09
N PRO B 224 21.96 24.69 -13.28
CA PRO B 224 21.10 24.74 -14.48
C PRO B 224 20.34 23.46 -14.86
N ASP B 225 20.82 22.33 -14.37
CA ASP B 225 20.16 21.05 -14.69
C ASP B 225 19.37 20.48 -13.52
N VAL B 226 19.28 21.25 -12.44
CA VAL B 226 18.46 20.91 -11.26
C VAL B 226 17.14 21.65 -11.33
N ASP B 227 16.06 20.91 -11.67
CA ASP B 227 14.79 21.52 -12.02
C ASP B 227 13.76 21.56 -10.87
N GLY B 228 14.18 21.25 -9.66
CA GLY B 228 13.31 21.21 -8.52
C GLY B 228 13.69 20.11 -7.57
N PHE B 229 12.74 19.66 -6.74
CA PHE B 229 13.04 18.84 -5.62
C PHE B 229 11.93 17.88 -5.32
N LEU B 230 12.32 16.76 -4.74
CA LEU B 230 11.40 15.89 -4.03
C LEU B 230 11.90 15.93 -2.58
N VAL B 231 11.02 16.36 -1.70
CA VAL B 231 11.32 16.64 -0.30
C VAL B 231 10.57 15.68 0.61
N GLY B 232 11.31 15.05 1.51
CA GLY B 232 10.72 14.10 2.46
C GLY B 232 10.51 14.84 3.78
N GLY B 233 11.50 14.74 4.67
CA GLY B 233 11.29 15.25 6.04
C GLY B 233 10.86 16.72 6.10
N ALA B 234 11.46 17.54 5.32
CA ALA B 234 11.13 18.97 5.33
C ALA B 234 9.82 19.31 4.70
N SER B 235 9.15 18.33 4.04
CA SER B 235 7.79 18.64 3.47
C SER B 235 6.69 18.71 4.54
N LEU B 236 7.03 18.23 5.76
CA LEU B 236 6.09 18.20 6.86
C LEU B 236 6.25 19.42 7.74
N LYS B 237 7.14 20.28 7.36
CA LYS B 237 7.69 21.45 8.16
C LYS B 237 7.36 22.74 7.42
N PRO B 238 7.36 23.88 8.13
CA PRO B 238 7.00 25.15 7.48
C PRO B 238 8.01 25.56 6.42
N GLU B 239 9.23 25.03 6.53
CA GLU B 239 10.25 25.36 5.55
C GLU B 239 9.93 24.78 4.17
N PHE B 240 8.99 23.85 4.06
CA PHE B 240 8.59 23.40 2.74
C PHE B 240 8.19 24.57 1.85
N VAL B 241 7.60 25.59 2.44
CA VAL B 241 7.24 26.80 1.71
C VAL B 241 8.48 27.53 1.17
N ASP B 242 9.52 27.61 1.98
CA ASP B 242 10.78 28.19 1.50
C ASP B 242 11.35 27.39 0.34
N ILE B 243 11.23 26.07 0.39
CA ILE B 243 11.71 25.28 -0.75
C ILE B 243 10.87 25.51 -2.01
N ILE B 244 9.55 25.64 -1.89
CA ILE B 244 8.72 25.96 -3.00
C ILE B 244 9.22 27.21 -3.69
N ASN B 245 9.72 28.13 -2.87
CA ASN B 245 10.22 29.45 -3.38
C ASN B 245 11.71 29.47 -3.61
N ALA B 246 12.30 28.31 -3.86
CA ALA B 246 13.80 28.23 -3.85
C ALA B 246 14.46 29.07 -4.95
N LYS B 247 13.74 29.32 -6.04
CA LYS B 247 14.33 30.11 -7.18
C LYS B 247 14.12 31.64 -7.08
#